data_7JL7
#
_entry.id   7JL7
#
_cell.length_a   56.305
_cell.length_b   74.580
_cell.length_c   133.413
_cell.angle_alpha   90.000
_cell.angle_beta   90.000
_cell.angle_gamma   90.000
#
_symmetry.space_group_name_H-M   'P 21 21 21'
#
loop_
_entity.id
_entity.type
_entity.pdbx_description
1 polymer 'Caspase 3, apoptosis-related cysteine protease a'
2 polymer 'Caspase 3, apoptosis-related cysteine protease a'
3 polymer 'ASP-GLU-VAL-ASP peptide'
4 water water
#
loop_
_entity_poly.entity_id
_entity_poly.type
_entity_poly.pdbx_seq_one_letter_code
_entity_poly.pdbx_strand_id
1 'polypeptide(L)'
;MNGDCVDAKRVDTTDASKDGASASQPMQVDAKPQSHAFRYSLNYPNIGHCIIINNKNFDRRTGMNPRNGTDVDAGNVMNV
FRKLGYIVKVYNDQTVAQIMQVLTTVAHDDHSRCASLVCVLLSHGDEGVFFGTDTSVDLKSLTSLFRGDRCPSLVGKPKL
FFIQACRGTELDPGVETD
;
A,B
2 'polypeptide(L)'
;RERIPVEADFLYAYSTVPGYYSWRTTMTGSWFIQSLCEMMTKYGSELELLQIMTRVNHKVALDFESTSNMPGFDAKKQIP
CIVSMLTKEMYFTPLEHHHHHH
;
C,D
3 'polypeptide(L)' DEVD F
#
# COMPACT_ATOMS: atom_id res chain seq x y z
N PHE A 38 8.07 16.87 -2.59
CA PHE A 38 9.18 17.69 -2.15
C PHE A 38 9.87 16.77 -1.15
N ARG A 39 10.15 17.23 0.07
CA ARG A 39 10.35 16.28 1.15
C ARG A 39 9.78 16.88 2.41
N TYR A 40 9.42 16.00 3.33
CA TYR A 40 8.89 16.45 4.60
C TYR A 40 10.00 17.15 5.36
N SER A 41 9.70 18.34 5.86
CA SER A 41 10.70 19.12 6.57
C SER A 41 11.01 18.49 7.91
N LEU A 42 12.30 18.28 8.17
CA LEU A 42 12.75 17.93 9.51
C LEU A 42 13.11 19.17 10.32
N ASN A 43 12.91 20.36 9.79
CA ASN A 43 13.28 21.57 10.52
C ASN A 43 12.28 21.82 11.65
N TYR A 44 12.28 20.93 12.63
CA TYR A 44 11.50 21.01 13.85
C TYR A 44 12.41 20.66 15.01
N PRO A 45 12.06 21.08 16.24
CA PRO A 45 12.90 20.72 17.40
C PRO A 45 12.96 19.23 17.67
N ASN A 46 11.82 18.55 17.50
CA ASN A 46 11.70 17.11 17.72
C ASN A 46 11.42 16.46 16.37
N ILE A 47 12.13 15.37 16.06
CA ILE A 47 11.72 14.64 14.88
C ILE A 47 10.31 14.08 15.10
N GLY A 48 9.96 13.78 16.34
CA GLY A 48 8.63 13.35 16.70
C GLY A 48 8.59 12.22 17.70
N HIS A 49 7.39 11.72 17.96
CA HIS A 49 7.18 10.63 18.91
C HIS A 49 7.08 9.29 18.19
N CYS A 50 7.55 8.26 18.87
CA CYS A 50 7.43 6.87 18.44
C CYS A 50 6.64 6.12 19.51
N ILE A 51 5.40 5.76 19.19
CA ILE A 51 4.52 5.00 20.09
C ILE A 51 4.54 3.54 19.66
N ILE A 52 4.94 2.66 20.56
CA ILE A 52 4.97 1.23 20.27
C ILE A 52 3.89 0.57 21.10
N ILE A 53 3.00 -0.17 20.43
CA ILE A 53 2.00 -0.98 21.12
C ILE A 53 2.45 -2.43 21.02
N ASN A 54 2.73 -3.05 22.17
CA ASN A 54 3.44 -4.33 22.25
C ASN A 54 2.63 -5.32 23.08
N ASN A 55 2.00 -6.29 22.40
CA ASN A 55 1.09 -7.23 23.03
C ASN A 55 1.67 -8.64 22.93
N LYS A 56 2.06 -9.22 24.07
CA LYS A 56 2.65 -10.55 24.17
C LYS A 56 1.64 -11.58 24.69
N ASN A 57 0.89 -11.23 25.73
CA ASN A 57 -0.02 -12.14 26.43
C ASN A 57 -1.45 -11.67 26.29
N PHE A 58 -2.35 -12.60 26.00
CA PHE A 58 -3.71 -12.27 25.65
C PHE A 58 -4.70 -12.94 26.62
N ASP A 59 -5.89 -12.34 26.69
CA ASP A 59 -6.96 -12.83 27.54
C ASP A 59 -7.30 -14.27 27.21
N ARG A 60 -7.18 -15.17 28.20
CA ARG A 60 -7.42 -16.59 27.95
C ARG A 60 -8.79 -16.85 27.32
N ARG A 61 -9.76 -15.96 27.55
CA ARG A 61 -11.04 -16.10 26.87
C ARG A 61 -10.90 -15.98 25.36
N THR A 62 -9.84 -15.32 24.86
CA THR A 62 -9.62 -15.23 23.42
C THR A 62 -9.08 -16.52 22.82
N GLY A 63 -8.31 -17.29 23.57
CA GLY A 63 -7.64 -18.44 23.01
C GLY A 63 -6.41 -18.12 22.16
N MET A 64 -6.06 -16.86 22.00
CA MET A 64 -4.86 -16.49 21.24
CA MET A 64 -4.86 -16.49 21.24
C MET A 64 -3.61 -16.86 22.02
N ASN A 65 -2.66 -17.50 21.34
CA ASN A 65 -1.43 -17.95 22.00
C ASN A 65 -0.49 -16.78 22.28
N PRO A 66 0.40 -16.93 23.26
CA PRO A 66 1.36 -15.85 23.54
C PRO A 66 2.24 -15.55 22.32
N ARG A 67 2.64 -14.28 22.20
CA ARG A 67 3.51 -13.86 21.11
C ARG A 67 4.92 -13.71 21.62
N ASN A 68 5.55 -14.86 21.87
CA ASN A 68 6.88 -14.88 22.47
C ASN A 68 7.90 -14.30 21.51
N GLY A 69 8.81 -13.49 22.04
CA GLY A 69 9.76 -12.79 21.21
C GLY A 69 9.32 -11.41 20.77
N THR A 70 8.11 -10.98 21.12
CA THR A 70 7.70 -9.64 20.73
C THR A 70 8.51 -8.58 21.47
N ASP A 71 9.01 -8.90 22.67
CA ASP A 71 9.91 -7.98 23.37
C ASP A 71 11.20 -7.76 22.61
N VAL A 72 11.65 -8.75 21.85
CA VAL A 72 12.76 -8.55 20.94
C VAL A 72 12.40 -7.52 19.87
N ASP A 73 11.24 -7.69 19.24
CA ASP A 73 10.77 -6.70 18.26
C ASP A 73 10.66 -5.32 18.89
N ALA A 74 10.03 -5.23 20.06
CA ALA A 74 9.77 -3.92 20.63
C ALA A 74 11.09 -3.22 20.99
N GLY A 75 12.04 -3.97 21.53
CA GLY A 75 13.32 -3.37 21.90
C GLY A 75 14.13 -2.94 20.69
N ASN A 76 14.12 -3.75 19.63
CA ASN A 76 14.83 -3.38 18.40
C ASN A 76 14.24 -2.12 17.80
N VAL A 77 12.90 -2.01 17.77
CA VAL A 77 12.25 -0.82 17.22
C VAL A 77 12.62 0.39 18.05
N MET A 78 12.48 0.26 19.36
CA MET A 78 12.83 1.33 20.29
C MET A 78 14.25 1.81 20.06
N ASN A 79 15.21 0.88 20.05
CA ASN A 79 16.60 1.28 19.82
C ASN A 79 16.75 2.02 18.49
N VAL A 80 16.14 1.50 17.43
CA VAL A 80 16.32 2.06 16.09
C VAL A 80 15.81 3.50 16.04
N PHE A 81 14.55 3.71 16.44
CA PHE A 81 13.94 5.02 16.35
C PHE A 81 14.51 5.98 17.38
N ARG A 82 14.95 5.47 18.53
CA ARG A 82 15.58 6.37 19.49
C ARG A 82 16.90 6.91 18.95
N LYS A 83 17.61 6.14 18.14
CA LYS A 83 18.87 6.59 17.58
C LYS A 83 18.70 7.67 16.51
N LEU A 84 17.48 7.86 15.95
CA LEU A 84 17.24 8.94 15.00
C LEU A 84 16.57 10.13 15.63
N GLY A 85 16.40 10.11 16.96
CA GLY A 85 15.90 11.25 17.70
C GLY A 85 14.44 11.21 18.09
N TYR A 86 13.73 10.12 17.80
CA TYR A 86 12.36 10.00 18.27
C TYR A 86 12.32 9.81 19.79
N ILE A 87 11.28 10.32 20.40
CA ILE A 87 11.02 10.08 21.82
C ILE A 87 10.11 8.85 21.90
N VAL A 88 10.68 7.73 22.31
CA VAL A 88 10.02 6.44 22.22
C VAL A 88 9.27 6.11 23.50
N LYS A 89 7.98 5.78 23.39
CA LYS A 89 7.18 5.27 24.49
C LYS A 89 6.60 3.91 24.10
N VAL A 90 6.77 2.91 24.97
CA VAL A 90 6.27 1.56 24.74
C VAL A 90 5.12 1.29 25.70
N TYR A 91 3.99 0.81 25.17
CA TYR A 91 2.83 0.44 25.98
C TYR A 91 2.59 -1.05 25.80
N ASN A 92 2.70 -1.80 26.89
CA ASN A 92 2.74 -3.26 26.88
C ASN A 92 1.40 -3.84 27.26
N ASP A 93 0.99 -4.88 26.52
CA ASP A 93 -0.19 -5.70 26.84
C ASP A 93 -1.43 -4.83 27.02
N GLN A 94 -1.76 -4.07 25.98
CA GLN A 94 -2.86 -3.13 26.08
C GLN A 94 -4.15 -3.75 25.56
N THR A 95 -5.24 -3.50 26.28
CA THR A 95 -6.57 -3.85 25.78
C THR A 95 -6.99 -2.87 24.70
N VAL A 96 -8.04 -3.24 23.95
CA VAL A 96 -8.58 -2.33 22.93
C VAL A 96 -8.81 -0.95 23.52
N ALA A 97 -9.55 -0.89 24.64
CA ALA A 97 -9.91 0.42 25.18
C ALA A 97 -8.69 1.19 25.68
N GLN A 98 -7.71 0.50 26.27
CA GLN A 98 -6.46 1.15 26.64
C GLN A 98 -5.76 1.72 25.41
N ILE A 99 -5.61 0.91 24.36
CA ILE A 99 -5.02 1.38 23.10
C ILE A 99 -5.69 2.65 22.64
N MET A 100 -7.03 2.63 22.59
CA MET A 100 -7.78 3.78 22.12
C MET A 100 -7.49 5.01 22.97
N GLN A 101 -7.44 4.86 24.29
CA GLN A 101 -7.16 6.03 25.10
C GLN A 101 -5.74 6.51 24.90
N VAL A 102 -4.79 5.59 24.75
CA VAL A 102 -3.41 5.97 24.49
C VAL A 102 -3.33 6.81 23.23
N LEU A 103 -3.86 6.29 22.12
CA LEU A 103 -3.73 6.99 20.85
C LEU A 103 -4.57 8.25 20.82
N THR A 104 -5.74 8.23 21.45
CA THR A 104 -6.54 9.44 21.50
C THR A 104 -5.80 10.54 22.25
N THR A 105 -5.09 10.17 23.32
CA THR A 105 -4.26 11.12 24.02
C THR A 105 -3.17 11.69 23.10
N VAL A 106 -2.47 10.80 22.40
CA VAL A 106 -1.44 11.26 21.46
C VAL A 106 -2.04 12.16 20.39
N ALA A 107 -3.18 11.77 19.85
CA ALA A 107 -3.84 12.60 18.84
C ALA A 107 -4.06 14.01 19.38
N HIS A 108 -4.66 14.11 20.56
CA HIS A 108 -5.09 15.34 21.19
C HIS A 108 -3.95 16.14 21.81
N ASP A 109 -2.71 15.68 21.69
CA ASP A 109 -1.57 16.43 22.20
C ASP A 109 -1.13 17.48 21.19
N ASP A 110 -0.15 18.28 21.58
CA ASP A 110 0.40 19.32 20.74
C ASP A 110 1.68 18.79 20.12
N HIS A 111 1.68 18.67 18.79
CA HIS A 111 2.85 18.22 18.05
C HIS A 111 3.43 19.33 17.18
N SER A 112 3.11 20.59 17.49
CA SER A 112 3.57 21.72 16.68
C SER A 112 5.09 21.74 16.57
N ARG A 113 5.78 21.17 17.55
CA ARG A 113 7.22 21.07 17.51
C ARG A 113 7.71 19.74 16.96
N CYS A 114 6.79 18.79 16.69
CA CYS A 114 7.15 17.49 16.17
C CYS A 114 7.11 17.49 14.65
N ALA A 115 8.14 16.91 14.04
CA ALA A 115 8.20 16.81 12.58
C ALA A 115 7.36 15.68 12.03
N SER A 116 7.07 14.67 12.83
CA SER A 116 6.46 13.44 12.33
C SER A 116 5.90 12.68 13.52
N LEU A 117 5.14 11.64 13.21
CA LEU A 117 4.70 10.68 14.22
C LEU A 117 4.93 9.26 13.70
N VAL A 118 5.46 8.42 14.57
CA VAL A 118 5.66 7.01 14.28
C VAL A 118 4.82 6.18 15.26
N CYS A 119 4.14 5.16 14.74
CA CYS A 119 3.38 4.24 15.59
C CYS A 119 3.62 2.82 15.10
N VAL A 120 4.04 1.96 16.02
CA VAL A 120 4.37 0.57 15.72
C VAL A 120 3.40 -0.31 16.49
N LEU A 121 2.73 -1.21 15.80
CA LEU A 121 1.65 -2.01 16.35
C LEU A 121 2.08 -3.46 16.26
N LEU A 122 2.28 -4.09 17.42
CA LEU A 122 2.77 -5.46 17.53
C LEU A 122 1.72 -6.27 18.27
N SER A 123 0.99 -7.14 17.57
CA SER A 123 -0.05 -7.94 18.20
C SER A 123 -0.51 -9.01 17.22
N HIS A 124 -1.49 -9.81 17.65
CA HIS A 124 -2.24 -10.64 16.73
C HIS A 124 -3.18 -9.78 15.91
N GLY A 125 -3.71 -10.36 14.84
CA GLY A 125 -4.62 -9.63 13.97
C GLY A 125 -5.43 -10.56 13.08
N ASP A 126 -6.35 -9.94 12.34
CA ASP A 126 -7.13 -10.58 11.30
C ASP A 126 -7.34 -9.56 10.20
N GLU A 127 -8.04 -9.94 9.13
CA GLU A 127 -8.28 -9.02 8.02
C GLU A 127 -8.93 -7.70 8.47
N GLY A 128 -8.12 -6.65 8.53
CA GLY A 128 -8.62 -5.34 8.91
C GLY A 128 -8.69 -5.07 10.40
N VAL A 129 -8.28 -5.99 11.26
CA VAL A 129 -8.40 -5.78 12.69
C VAL A 129 -7.08 -6.07 13.40
N PHE A 130 -6.99 -5.53 14.60
CA PHE A 130 -5.82 -5.61 15.44
C PHE A 130 -6.31 -6.02 16.80
N PHE A 131 -5.69 -7.01 17.39
CA PHE A 131 -6.15 -7.52 18.66
C PHE A 131 -5.55 -6.74 19.81
N GLY A 132 -6.41 -6.14 20.62
CA GLY A 132 -6.02 -5.84 21.97
C GLY A 132 -5.83 -7.15 22.71
N THR A 133 -5.41 -7.05 23.97
CA THR A 133 -5.29 -8.28 24.73
C THR A 133 -6.65 -8.93 24.96
N ASP A 134 -7.74 -8.16 24.88
CA ASP A 134 -9.09 -8.64 25.22
C ASP A 134 -9.91 -9.07 24.02
N THR A 135 -9.86 -8.34 22.90
CA THR A 135 -10.64 -8.66 21.71
C THR A 135 -10.09 -7.81 20.56
N SER A 136 -10.73 -7.86 19.40
CA SER A 136 -10.22 -7.16 18.24
C SER A 136 -10.86 -5.78 18.13
N VAL A 137 -10.16 -4.89 17.43
CA VAL A 137 -10.69 -3.58 17.03
C VAL A 137 -10.29 -3.34 15.58
N ASP A 138 -11.12 -2.58 14.88
CA ASP A 138 -10.80 -2.20 13.51
C ASP A 138 -9.57 -1.30 13.45
N LEU A 139 -8.63 -1.63 12.58
CA LEU A 139 -7.44 -0.80 12.43
C LEU A 139 -7.81 0.61 12.02
N LYS A 140 -8.84 0.77 11.19
CA LYS A 140 -9.25 2.10 10.76
C LYS A 140 -9.58 2.97 11.95
N SER A 141 -10.14 2.37 13.03
CA SER A 141 -10.50 3.13 14.22
C SER A 141 -9.27 3.70 14.93
N LEU A 142 -8.18 2.93 14.97
CA LEU A 142 -6.94 3.42 15.56
C LEU A 142 -6.34 4.55 14.73
N THR A 143 -6.17 4.33 13.43
CA THR A 143 -5.41 5.25 12.60
C THR A 143 -6.18 6.50 12.26
N SER A 144 -7.51 6.43 12.23
CA SER A 144 -8.30 7.63 11.92
C SER A 144 -8.23 8.67 13.04
N LEU A 145 -7.73 8.32 14.22
CA LEU A 145 -7.57 9.30 15.29
C LEU A 145 -6.63 10.43 14.89
N PHE A 146 -5.74 10.19 13.93
CA PHE A 146 -4.74 11.15 13.52
C PHE A 146 -5.03 11.72 12.15
N ARG A 147 -6.24 11.56 11.68
CA ARG A 147 -6.60 11.99 10.37
C ARG A 147 -6.59 13.52 10.39
N GLY A 148 -6.45 14.14 9.21
CA GLY A 148 -6.10 15.54 9.15
C GLY A 148 -7.04 16.45 9.93
N ASP A 149 -8.34 16.16 9.91
CA ASP A 149 -9.31 16.99 10.59
C ASP A 149 -9.51 16.63 12.05
N ARG A 150 -9.02 15.46 12.48
CA ARG A 150 -9.10 15.03 13.86
CA ARG A 150 -9.10 15.05 13.86
C ARG A 150 -7.84 15.36 14.66
N CYS A 151 -6.72 15.65 13.99
CA CYS A 151 -5.44 15.90 14.65
C CYS A 151 -4.73 17.01 13.89
N PRO A 152 -5.11 18.27 14.14
CA PRO A 152 -4.57 19.36 13.32
C PRO A 152 -3.10 19.63 13.58
N SER A 153 -2.61 19.26 14.75
CA SER A 153 -1.19 19.39 15.07
C SER A 153 -0.28 18.63 14.12
N LEU A 154 -0.81 17.74 13.29
CA LEU A 154 0.01 16.88 12.45
C LEU A 154 -0.31 17.02 10.96
N VAL A 155 -1.21 17.93 10.59
CA VAL A 155 -1.54 18.13 9.18
C VAL A 155 -0.28 18.48 8.41
N GLY A 156 -0.09 17.79 7.28
CA GLY A 156 1.07 18.01 6.46
C GLY A 156 2.32 17.31 6.92
N LYS A 157 2.31 16.64 8.08
CA LYS A 157 3.46 15.88 8.54
C LYS A 157 3.20 14.38 8.41
N PRO A 158 4.24 13.59 8.19
CA PRO A 158 4.04 12.15 7.94
C PRO A 158 3.60 11.39 9.18
N LYS A 159 2.55 10.62 9.02
CA LYS A 159 2.02 9.75 10.05
C LYS A 159 2.38 8.33 9.61
N LEU A 160 3.34 7.72 10.30
CA LEU A 160 3.99 6.49 9.85
C LEU A 160 3.59 5.34 10.76
N PHE A 161 2.81 4.40 10.24
CA PHE A 161 2.44 3.20 10.98
C PHE A 161 3.19 2.00 10.44
N PHE A 162 3.64 1.17 11.37
CA PHE A 162 4.30 -0.09 11.09
C PHE A 162 3.52 -1.17 11.83
N ILE A 163 2.94 -2.10 11.10
CA ILE A 163 1.93 -3.01 11.66
C ILE A 163 2.40 -4.45 11.51
N GLN A 164 2.82 -5.05 12.62
CA GLN A 164 3.14 -6.48 12.68
C GLN A 164 1.94 -7.18 13.30
N ALA A 165 1.11 -7.79 12.46
CA ALA A 165 -0.04 -8.58 12.90
C ALA A 165 -0.51 -9.42 11.73
N CYS A 166 -1.20 -10.52 12.03
CA CYS A 166 -1.86 -11.30 10.99
C CYS A 166 -2.97 -10.49 10.35
N ARG A 167 -3.24 -10.81 9.09
CA ARG A 167 -4.33 -10.16 8.36
C ARG A 167 -5.30 -11.18 7.76
N GLY A 168 -5.27 -12.39 8.26
CA GLY A 168 -6.03 -13.48 7.70
C GLY A 168 -5.28 -14.78 7.92
N THR A 169 -5.78 -15.83 7.28
CA THR A 169 -5.29 -17.19 7.51
C THR A 169 -4.75 -17.85 6.25
N GLU A 170 -4.59 -17.11 5.15
CA GLU A 170 -3.91 -17.71 4.01
C GLU A 170 -2.41 -17.80 4.25
N LEU A 171 -1.81 -18.79 3.60
CA LEU A 171 -0.40 -19.05 3.71
C LEU A 171 0.19 -18.94 2.32
N ASP A 172 1.38 -18.39 2.24
CA ASP A 172 1.98 -18.17 0.95
C ASP A 172 2.93 -19.32 0.67
N PRO A 173 2.67 -20.17 -0.31
CA PRO A 173 3.54 -21.33 -0.57
C PRO A 173 4.84 -20.98 -1.27
N GLY A 174 4.96 -19.76 -1.78
CA GLY A 174 6.13 -19.44 -2.56
C GLY A 174 6.13 -20.09 -3.93
N VAL A 175 7.13 -19.72 -4.72
CA VAL A 175 7.32 -20.23 -6.07
C VAL A 175 8.81 -20.14 -6.36
N GLU A 176 9.33 -21.14 -7.07
CA GLU A 176 10.74 -21.13 -7.38
C GLU A 176 10.99 -20.27 -8.59
N THR A 177 12.12 -19.56 -8.57
CA THR A 177 12.52 -18.70 -9.66
C THR A 177 14.00 -18.97 -9.94
N ASP A 178 14.67 -18.07 -10.66
CA ASP A 178 16.08 -18.24 -10.98
C ASP A 178 16.98 -17.59 -9.93
N GLU B 2 -4.39 26.75 1.32
CA GLU B 2 -4.62 25.48 0.62
C GLU B 2 -5.29 24.45 1.53
N ARG B 3 -6.10 23.61 0.92
CA ARG B 3 -6.71 22.47 1.59
C ARG B 3 -6.04 21.18 1.14
N ILE B 4 -5.82 20.27 2.07
CA ILE B 4 -5.27 18.96 1.73
C ILE B 4 -6.24 17.89 2.26
N PRO B 5 -6.18 16.69 1.70
CA PRO B 5 -7.11 15.65 2.14
C PRO B 5 -6.80 15.19 3.56
N VAL B 6 -7.85 14.92 4.33
CA VAL B 6 -7.61 14.54 5.72
C VAL B 6 -6.93 13.18 5.80
N GLU B 7 -6.95 12.40 4.73
CA GLU B 7 -6.37 11.07 4.70
C GLU B 7 -4.93 11.09 4.21
N ALA B 8 -4.43 12.26 3.81
CA ALA B 8 -3.12 12.39 3.23
C ALA B 8 -2.04 12.22 4.28
N ASP B 9 -0.83 11.91 3.81
CA ASP B 9 0.39 11.86 4.59
C ASP B 9 0.36 10.76 5.65
N PHE B 10 -0.37 9.69 5.36
CA PHE B 10 -0.23 8.45 6.11
C PHE B 10 0.65 7.48 5.34
N LEU B 11 1.37 6.64 6.09
CA LEU B 11 1.95 5.41 5.55
C LEU B 11 1.56 4.25 6.45
N TYR B 12 1.01 3.20 5.86
CA TYR B 12 0.70 1.98 6.59
C TYR B 12 1.60 0.89 6.02
N ALA B 13 2.71 0.61 6.72
CA ALA B 13 3.63 -0.46 6.36
C ALA B 13 3.17 -1.72 7.08
N TYR B 14 2.51 -2.60 6.34
CA TYR B 14 2.03 -3.85 6.91
C TYR B 14 3.09 -4.94 6.73
N SER B 15 3.17 -5.83 7.73
CA SER B 15 4.07 -6.97 7.66
C SER B 15 3.70 -7.98 6.57
N THR B 16 2.43 -8.03 6.16
CA THR B 16 1.99 -9.11 5.28
C THR B 16 0.82 -8.63 4.43
N VAL B 17 0.46 -9.45 3.45
CA VAL B 17 -0.54 -9.16 2.42
C VAL B 17 -1.93 -9.33 3.03
N PRO B 18 -2.92 -8.48 2.69
CA PRO B 18 -4.28 -8.68 3.21
C PRO B 18 -4.73 -10.11 2.97
N GLY B 19 -5.32 -10.71 4.01
CA GLY B 19 -5.78 -12.08 3.97
C GLY B 19 -4.75 -13.11 4.39
N TYR B 20 -3.51 -12.71 4.67
CA TYR B 20 -2.46 -13.67 4.89
C TYR B 20 -2.02 -13.68 6.35
N TYR B 21 -1.50 -14.84 6.77
CA TYR B 21 -0.75 -14.95 8.01
C TYR B 21 0.54 -14.14 7.93
N SER B 22 1.05 -13.78 9.11
CA SER B 22 2.32 -13.09 9.29
C SER B 22 3.17 -13.92 10.24
N TRP B 23 4.47 -14.05 9.93
CA TRP B 23 5.34 -15.02 10.57
C TRP B 23 6.32 -14.41 11.57
N ARG B 24 6.63 -15.22 12.58
CA ARG B 24 7.61 -14.90 13.61
C ARG B 24 8.61 -16.04 13.69
N THR B 25 9.77 -15.73 14.24
CA THR B 25 10.71 -16.74 14.70
C THR B 25 10.55 -16.88 16.22
N THR B 26 10.34 -18.12 16.68
CA THR B 26 10.49 -18.59 18.05
C THR B 26 10.75 -17.53 19.13
N MET B 27 11.90 -16.87 19.05
CA MET B 27 12.28 -15.73 19.88
C MET B 27 13.52 -15.06 19.26
N THR B 28 13.37 -14.61 18.01
CA THR B 28 14.35 -13.74 17.37
C THR B 28 13.62 -12.59 16.68
N GLY B 29 12.33 -12.41 16.95
CA GLY B 29 11.52 -11.34 16.40
C GLY B 29 10.74 -11.78 15.17
N SER B 30 9.67 -11.02 14.88
CA SER B 30 8.96 -11.25 13.63
C SER B 30 9.90 -10.98 12.45
N TRP B 31 9.68 -11.69 11.35
CA TRP B 31 10.46 -11.46 10.14
C TRP B 31 10.42 -9.99 9.74
N PHE B 32 9.22 -9.42 9.71
CA PHE B 32 9.05 -8.04 9.22
C PHE B 32 9.79 -7.05 10.12
N ILE B 33 9.58 -7.14 11.43
CA ILE B 33 10.17 -6.13 12.30
C ILE B 33 11.69 -6.27 12.34
N GLN B 34 12.21 -7.50 12.33
CA GLN B 34 13.67 -7.58 12.37
C GLN B 34 14.30 -7.11 11.07
N SER B 35 13.62 -7.31 9.93
CA SER B 35 14.15 -6.79 8.69
C SER B 35 14.02 -5.26 8.64
N LEU B 36 12.90 -4.74 9.15
CA LEU B 36 12.71 -3.30 9.21
C LEU B 36 13.83 -2.64 10.02
N CYS B 37 14.14 -3.21 11.18
CA CYS B 37 15.17 -2.64 12.04
C CYS B 37 16.54 -2.70 11.40
N GLU B 38 16.84 -3.80 10.70
CA GLU B 38 18.16 -3.91 10.06
C GLU B 38 18.29 -2.99 8.85
N MET B 39 17.19 -2.67 8.17
CA MET B 39 17.33 -1.77 7.03
C MET B 39 17.30 -0.32 7.50
N MET B 40 16.52 -0.03 8.53
CA MET B 40 16.56 1.28 9.17
C MET B 40 17.97 1.56 9.67
N THR B 41 18.57 0.58 10.34
CA THR B 41 19.94 0.71 10.84
C THR B 41 20.91 0.97 9.70
N LYS B 42 20.75 0.25 8.59
CA LYS B 42 21.71 0.32 7.49
C LYS B 42 21.51 1.54 6.60
N TYR B 43 20.27 2.00 6.44
CA TYR B 43 19.94 2.99 5.44
C TYR B 43 19.18 4.19 5.97
N GLY B 44 18.85 4.25 7.25
CA GLY B 44 18.02 5.33 7.76
C GLY B 44 18.63 6.70 7.56
N SER B 45 19.94 6.78 7.35
CA SER B 45 20.60 8.06 7.12
C SER B 45 21.00 8.23 5.66
N GLU B 46 20.40 7.45 4.76
CA GLU B 46 20.86 7.42 3.38
C GLU B 46 19.71 7.42 2.38
N LEU B 47 18.67 6.63 2.63
CA LEU B 47 17.58 6.43 1.68
C LEU B 47 16.30 7.08 2.17
N GLU B 48 15.36 7.32 1.26
CA GLU B 48 14.09 7.79 1.78
C GLU B 48 13.20 6.57 2.08
N LEU B 49 12.10 6.82 2.80
CA LEU B 49 11.38 5.76 3.49
C LEU B 49 10.86 4.69 2.55
N LEU B 50 10.35 5.07 1.36
CA LEU B 50 9.84 4.05 0.45
C LEU B 50 10.96 3.20 -0.15
N GLN B 51 12.15 3.78 -0.32
CA GLN B 51 13.32 2.99 -0.73
C GLN B 51 13.73 1.99 0.35
N ILE B 52 13.68 2.40 1.61
CA ILE B 52 13.98 1.50 2.71
C ILE B 52 12.98 0.34 2.72
N MET B 53 11.69 0.66 2.68
CA MET B 53 10.68 -0.38 2.83
C MET B 53 10.67 -1.33 1.65
N THR B 54 11.11 -0.85 0.48
CA THR B 54 11.35 -1.77 -0.63
C THR B 54 12.44 -2.78 -0.27
N ARG B 55 13.50 -2.33 0.40
CA ARG B 55 14.55 -3.29 0.72
C ARG B 55 14.12 -4.20 1.86
N VAL B 56 13.24 -3.72 2.73
CA VAL B 56 12.59 -4.58 3.70
C VAL B 56 11.75 -5.65 3.02
N ASN B 57 10.92 -5.25 2.04
CA ASN B 57 10.13 -6.23 1.29
C ASN B 57 11.02 -7.30 0.68
N HIS B 58 12.15 -6.87 0.09
CA HIS B 58 13.08 -7.82 -0.51
C HIS B 58 13.68 -8.76 0.53
N LYS B 59 14.09 -8.21 1.68
CA LYS B 59 14.75 -9.08 2.65
C LYS B 59 13.77 -10.10 3.22
N VAL B 60 12.54 -9.68 3.53
CA VAL B 60 11.51 -10.60 4.01
C VAL B 60 11.18 -11.64 2.94
N ALA B 61 11.04 -11.20 1.69
CA ALA B 61 10.64 -12.11 0.62
C ALA B 61 11.70 -13.13 0.28
N LEU B 62 12.98 -12.82 0.51
CA LEU B 62 14.05 -13.71 0.10
C LEU B 62 14.68 -14.51 1.23
N ASP B 63 14.91 -13.92 2.41
CA ASP B 63 15.73 -14.58 3.42
C ASP B 63 14.95 -15.44 4.40
N PHE B 64 13.62 -15.46 4.35
CA PHE B 64 12.84 -16.19 5.31
C PHE B 64 11.97 -17.25 4.65
N GLU B 65 11.92 -18.44 5.27
CA GLU B 65 10.99 -19.49 4.89
C GLU B 65 10.65 -20.29 6.14
N SER B 66 9.38 -20.62 6.30
CA SER B 66 8.91 -21.16 7.56
C SER B 66 9.34 -22.62 7.72
N THR B 67 9.69 -22.98 8.95
CA THR B 67 9.89 -24.37 9.36
C THR B 67 8.87 -24.65 10.44
N SER B 68 7.98 -25.61 10.19
CA SER B 68 6.97 -25.91 11.18
C SER B 68 6.59 -27.38 11.13
N ASN B 69 6.32 -27.96 12.29
CA ASN B 69 5.74 -29.29 12.38
C ASN B 69 4.22 -29.27 12.36
N MET B 70 3.64 -28.08 12.47
CA MET B 70 2.20 -27.94 12.37
C MET B 70 1.80 -28.27 10.94
N PRO B 71 0.77 -29.09 10.76
CA PRO B 71 0.43 -29.53 9.40
C PRO B 71 -0.07 -28.37 8.54
N GLY B 72 0.54 -28.23 7.37
CA GLY B 72 0.16 -27.22 6.42
C GLY B 72 0.85 -25.88 6.59
N PHE B 73 1.76 -25.75 7.55
CA PHE B 73 2.43 -24.49 7.83
C PHE B 73 3.91 -24.52 7.51
N ASP B 74 4.40 -25.58 6.88
CA ASP B 74 5.83 -25.73 6.64
C ASP B 74 6.21 -25.07 5.33
N ALA B 75 7.44 -24.52 5.31
CA ALA B 75 8.05 -23.97 4.08
C ALA B 75 7.16 -22.91 3.43
N LYS B 76 6.70 -21.94 4.23
CA LYS B 76 5.83 -20.88 3.74
C LYS B 76 6.61 -19.57 3.60
N LYS B 77 6.06 -18.66 2.81
CA LYS B 77 6.75 -17.41 2.46
C LYS B 77 5.91 -16.21 2.86
N GLN B 78 6.52 -15.03 2.80
CA GLN B 78 5.84 -13.81 3.24
C GLN B 78 6.35 -12.62 2.44
N ILE B 79 5.44 -11.73 2.05
CA ILE B 79 5.90 -10.44 1.57
C ILE B 79 5.12 -9.34 2.26
N PRO B 80 5.78 -8.28 2.76
CA PRO B 80 5.05 -7.20 3.43
C PRO B 80 4.28 -6.36 2.42
N CYS B 81 3.52 -5.38 2.90
CA CYS B 81 2.54 -4.63 2.11
C CYS B 81 2.61 -3.16 2.52
N ILE B 82 3.19 -2.34 1.65
CA ILE B 82 3.49 -0.96 1.98
C ILE B 82 2.41 -0.06 1.36
N VAL B 83 1.57 0.55 2.19
CA VAL B 83 0.45 1.36 1.72
C VAL B 83 0.81 2.84 1.94
N SER B 84 1.05 3.59 0.86
CA SER B 84 1.47 4.98 0.98
C SER B 84 0.41 5.97 0.50
N MET B 85 0.02 6.89 1.40
CA MET B 85 -0.65 8.14 1.05
C MET B 85 0.25 9.33 1.35
N LEU B 86 1.54 9.10 1.33
CA LEU B 86 2.49 10.19 1.48
C LEU B 86 2.48 11.06 0.24
N THR B 87 2.72 12.36 0.45
CA THR B 87 2.80 13.33 -0.64
C THR B 87 4.20 13.91 -0.85
N LYS B 88 5.18 13.46 -0.08
CA LYS B 88 6.56 13.92 -0.20
C LYS B 88 7.47 12.76 0.13
N GLU B 89 8.73 12.89 -0.28
CA GLU B 89 9.78 12.02 0.21
C GLU B 89 9.97 12.17 1.72
N MET B 90 10.21 11.05 2.39
CA MET B 90 10.47 11.01 3.84
C MET B 90 11.87 10.51 4.10
N TYR B 91 12.74 11.39 4.59
CA TYR B 91 14.05 11.02 5.10
C TYR B 91 14.08 11.22 6.60
N PHE B 92 14.86 10.40 7.29
CA PHE B 92 14.94 10.54 8.74
C PHE B 92 16.10 11.43 9.18
N THR B 93 16.95 11.91 8.26
CA THR B 93 18.00 12.82 8.66
C THR B 93 17.97 14.05 7.76
N PRO B 94 18.44 15.20 8.27
CA PRO B 94 18.40 16.42 7.45
C PRO B 94 19.17 16.28 6.15
N LEU B 95 20.30 15.61 6.21
CA LEU B 95 21.17 15.40 5.06
C LEU B 95 21.42 13.90 4.97
N GLU B 96 21.08 13.31 3.83
CA GLU B 96 21.35 11.90 3.62
C GLU B 96 22.77 11.73 3.13
N HIS B 97 23.42 10.68 3.60
CA HIS B 97 24.84 10.46 3.37
C HIS B 97 25.09 9.17 2.58
N ALA C 37 20.46 -7.40 -6.38
CA ALA C 37 20.06 -6.39 -7.36
C ALA C 37 18.96 -5.49 -6.80
N PHE C 38 19.17 -4.18 -6.87
CA PHE C 38 18.24 -3.23 -6.29
C PHE C 38 17.18 -2.79 -7.29
N ARG C 39 17.27 -3.22 -8.53
CA ARG C 39 16.47 -2.69 -9.63
C ARG C 39 15.96 -3.83 -10.49
N TYR C 40 14.67 -3.82 -10.82
CA TYR C 40 14.15 -4.81 -11.76
C TYR C 40 14.87 -4.66 -13.10
N SER C 41 15.26 -5.79 -13.68
CA SER C 41 16.05 -5.77 -14.91
C SER C 41 15.18 -5.38 -16.10
N LEU C 42 15.76 -4.57 -16.99
CA LEU C 42 15.13 -4.24 -18.26
C LEU C 42 15.80 -4.95 -19.42
N ASN C 43 16.62 -5.96 -19.16
CA ASN C 43 17.32 -6.69 -20.21
C ASN C 43 16.44 -7.80 -20.76
N TYR C 44 15.35 -7.36 -21.40
CA TYR C 44 14.43 -8.20 -22.11
C TYR C 44 14.12 -7.55 -23.45
N PRO C 45 13.80 -8.35 -24.48
CA PRO C 45 13.43 -7.75 -25.77
C PRO C 45 12.35 -6.69 -25.64
N ASN C 46 11.33 -6.94 -24.83
CA ASN C 46 10.19 -6.05 -24.70
C ASN C 46 9.99 -5.66 -23.24
N ILE C 47 9.67 -4.39 -23.00
CA ILE C 47 9.39 -3.98 -21.63
C ILE C 47 8.07 -4.56 -21.18
N GLY C 48 7.17 -4.85 -22.12
CA GLY C 48 6.04 -5.72 -21.85
C GLY C 48 4.76 -5.16 -22.38
N HIS C 49 3.66 -5.79 -21.98
CA HIS C 49 2.34 -5.42 -22.45
C HIS C 49 1.64 -4.50 -21.45
N CYS C 50 0.72 -3.70 -21.98
CA CYS C 50 -0.11 -2.80 -21.21
C CYS C 50 -1.55 -3.08 -21.62
N ILE C 51 -2.32 -3.67 -20.71
CA ILE C 51 -3.73 -3.95 -20.95
C ILE C 51 -4.53 -2.88 -20.23
N ILE C 52 -5.38 -2.18 -20.99
CA ILE C 52 -6.26 -1.14 -20.47
C ILE C 52 -7.68 -1.67 -20.56
N ILE C 53 -8.36 -1.73 -19.42
CA ILE C 53 -9.79 -2.04 -19.35
C ILE C 53 -10.53 -0.71 -19.17
N ASN C 54 -11.26 -0.28 -20.18
CA ASN C 54 -11.89 1.04 -20.20
C ASN C 54 -13.42 0.88 -20.24
N ASN C 55 -14.06 1.06 -19.09
CA ASN C 55 -15.51 0.84 -19.00
C ASN C 55 -16.22 2.19 -18.91
N LYS C 56 -17.04 2.46 -19.92
CA LYS C 56 -17.78 3.70 -20.07
C LYS C 56 -19.27 3.51 -19.80
N ASN C 57 -19.90 2.57 -20.50
CA ASN C 57 -21.34 2.43 -20.47
C ASN C 57 -21.72 1.15 -19.75
N PHE C 58 -22.66 1.26 -18.81
CA PHE C 58 -23.02 0.17 -17.93
C PHE C 58 -24.48 -0.22 -18.13
N ASP C 59 -24.78 -1.45 -17.73
CA ASP C 59 -26.13 -1.97 -17.74
C ASP C 59 -27.07 -1.01 -17.04
N ARG C 60 -28.08 -0.53 -17.77
CA ARG C 60 -28.90 0.58 -17.30
C ARG C 60 -29.59 0.23 -16.01
N ARG C 61 -30.16 -0.97 -15.95
CA ARG C 61 -30.98 -1.40 -14.83
C ARG C 61 -30.13 -1.76 -13.62
N THR C 62 -28.83 -1.44 -13.66
CA THR C 62 -28.03 -1.37 -12.43
C THR C 62 -28.01 0.03 -11.83
N GLY C 63 -28.39 1.05 -12.59
CA GLY C 63 -28.38 2.41 -12.08
C GLY C 63 -27.05 3.10 -12.09
N MET C 64 -26.11 2.66 -12.92
CA MET C 64 -24.78 3.22 -12.98
C MET C 64 -24.69 4.20 -14.14
N ASN C 65 -24.37 5.45 -13.84
CA ASN C 65 -24.28 6.46 -14.88
C ASN C 65 -23.03 6.25 -15.74
N PRO C 66 -23.08 6.61 -17.01
CA PRO C 66 -21.91 6.46 -17.87
C PRO C 66 -20.71 7.22 -17.31
N ARG C 67 -19.53 6.79 -17.72
CA ARG C 67 -18.27 7.39 -17.28
C ARG C 67 -17.75 8.24 -18.43
N ASN C 68 -18.34 9.42 -18.57
CA ASN C 68 -17.98 10.33 -19.66
C ASN C 68 -16.62 10.95 -19.39
N GLY C 69 -15.75 10.89 -20.39
CA GLY C 69 -14.38 11.32 -20.22
C GLY C 69 -13.41 10.21 -19.92
N THR C 70 -13.90 9.00 -19.65
CA THR C 70 -13.02 7.85 -19.51
C THR C 70 -12.27 7.56 -20.80
N ASP C 71 -12.78 8.01 -21.94
CA ASP C 71 -12.07 7.78 -23.20
C ASP C 71 -10.81 8.64 -23.27
N VAL C 72 -10.82 9.82 -22.65
CA VAL C 72 -9.58 10.61 -22.67
C VAL C 72 -8.56 9.98 -21.71
N ASP C 73 -9.01 9.46 -20.55
CA ASP C 73 -8.11 8.69 -19.67
C ASP C 73 -7.39 7.62 -20.46
N ALA C 74 -8.15 6.81 -21.17
CA ALA C 74 -7.60 5.64 -21.83
C ALA C 74 -6.62 6.01 -22.93
N GLY C 75 -6.95 7.03 -23.72
CA GLY C 75 -6.03 7.48 -24.77
C GLY C 75 -4.77 8.12 -24.20
N ASN C 76 -4.92 8.94 -23.16
CA ASN C 76 -3.77 9.50 -22.46
C ASN C 76 -2.83 8.40 -21.95
N VAL C 77 -3.38 7.41 -21.22
CA VAL C 77 -2.59 6.30 -20.68
C VAL C 77 -1.89 5.55 -21.80
N MET C 78 -2.69 5.14 -22.79
CA MET C 78 -2.14 4.41 -23.95
C MET C 78 -0.92 5.10 -24.54
N ASN C 79 -0.99 6.43 -24.71
CA ASN C 79 0.12 7.17 -25.30
C ASN C 79 1.32 7.21 -24.38
N VAL C 80 1.09 7.46 -23.09
CA VAL C 80 2.19 7.41 -22.12
C VAL C 80 2.92 6.08 -22.21
N PHE C 81 2.18 4.98 -22.09
CA PHE C 81 2.89 3.71 -21.99
C PHE C 81 3.41 3.23 -23.33
N ARG C 82 2.75 3.61 -24.43
CA ARG C 82 3.27 3.31 -25.76
C ARG C 82 4.65 3.93 -25.96
N LYS C 83 4.81 5.20 -25.56
CA LYS C 83 6.10 5.84 -25.78
C LYS C 83 7.19 5.28 -24.85
N LEU C 84 6.81 4.67 -23.73
CA LEU C 84 7.80 4.03 -22.86
C LEU C 84 8.24 2.67 -23.40
N GLY C 85 7.57 2.14 -24.41
CA GLY C 85 7.93 0.86 -25.02
C GLY C 85 6.87 -0.22 -24.89
N TYR C 86 5.82 0.02 -24.13
CA TYR C 86 4.85 -1.03 -23.90
C TYR C 86 4.03 -1.30 -25.14
N ILE C 87 3.57 -2.53 -25.25
CA ILE C 87 2.62 -2.91 -26.28
C ILE C 87 1.25 -2.80 -25.63
N VAL C 88 0.46 -1.83 -26.10
CA VAL C 88 -0.77 -1.42 -25.45
C VAL C 88 -1.95 -2.03 -26.21
N LYS C 89 -2.88 -2.63 -25.47
CA LYS C 89 -4.18 -3.07 -25.98
C LYS C 89 -5.27 -2.49 -25.08
N VAL C 90 -6.35 -2.01 -25.70
CA VAL C 90 -7.44 -1.37 -24.98
C VAL C 90 -8.71 -2.21 -25.15
N TYR C 91 -9.38 -2.50 -24.04
CA TYR C 91 -10.59 -3.32 -24.01
C TYR C 91 -11.72 -2.46 -23.44
N ASN C 92 -12.62 -2.03 -24.30
CA ASN C 92 -13.70 -1.14 -23.91
C ASN C 92 -14.94 -1.92 -23.51
N ASP C 93 -15.63 -1.43 -22.48
CA ASP C 93 -16.94 -1.92 -22.07
C ASP C 93 -16.96 -3.45 -21.99
N GLN C 94 -16.13 -3.96 -21.09
CA GLN C 94 -16.06 -5.39 -20.81
C GLN C 94 -16.93 -5.74 -19.62
N THR C 95 -17.63 -6.86 -19.73
CA THR C 95 -18.32 -7.42 -18.58
C THR C 95 -17.31 -8.09 -17.65
N VAL C 96 -17.77 -8.44 -16.46
CA VAL C 96 -16.92 -9.19 -15.53
C VAL C 96 -16.36 -10.43 -16.20
N ALA C 97 -17.24 -11.28 -16.76
CA ALA C 97 -16.75 -12.48 -17.43
C ALA C 97 -15.74 -12.15 -18.51
N GLN C 98 -15.98 -11.09 -19.28
CA GLN C 98 -15.07 -10.75 -20.37
C GLN C 98 -13.73 -10.25 -19.84
N ILE C 99 -13.75 -9.45 -18.78
CA ILE C 99 -12.50 -9.05 -18.14
C ILE C 99 -11.70 -10.29 -17.76
N MET C 100 -12.35 -11.25 -17.11
CA MET C 100 -11.64 -12.46 -16.70
C MET C 100 -11.08 -13.20 -17.91
N GLN C 101 -11.86 -13.34 -18.98
CA GLN C 101 -11.31 -13.96 -20.18
C GLN C 101 -10.07 -13.21 -20.66
N VAL C 102 -10.14 -11.88 -20.73
CA VAL C 102 -9.00 -11.08 -21.20
C VAL C 102 -7.78 -11.31 -20.31
N LEU C 103 -7.94 -11.13 -18.99
CA LEU C 103 -6.77 -11.22 -18.14
C LEU C 103 -6.32 -12.67 -17.95
N THR C 104 -7.24 -13.62 -17.98
CA THR C 104 -6.83 -15.02 -17.91
C THR C 104 -5.99 -15.40 -19.14
N THR C 105 -6.36 -14.87 -20.30
CA THR C 105 -5.58 -15.10 -21.51
C THR C 105 -4.19 -14.47 -21.42
N VAL C 106 -4.12 -13.23 -20.92
CA VAL C 106 -2.82 -12.59 -20.73
C VAL C 106 -1.96 -13.39 -19.74
N ALA C 107 -2.57 -13.86 -18.66
CA ALA C 107 -1.82 -14.58 -17.63
C ALA C 107 -1.25 -15.91 -18.16
N HIS C 108 -1.90 -16.51 -19.15
CA HIS C 108 -1.50 -17.80 -19.70
C HIS C 108 -0.59 -17.68 -20.91
N ASP C 109 -0.41 -16.48 -21.45
CA ASP C 109 0.56 -16.28 -22.52
C ASP C 109 1.98 -16.46 -21.98
N ASP C 110 2.95 -16.37 -22.87
CA ASP C 110 4.34 -16.44 -22.46
C ASP C 110 4.92 -15.03 -22.42
N HIS C 111 5.51 -14.66 -21.28
CA HIS C 111 6.11 -13.36 -21.07
C HIS C 111 7.62 -13.44 -20.88
N SER C 112 8.25 -14.52 -21.38
CA SER C 112 9.71 -14.67 -21.29
C SER C 112 10.44 -13.43 -21.77
N ARG C 113 9.97 -12.83 -22.86
CA ARG C 113 10.63 -11.71 -23.51
C ARG C 113 10.23 -10.36 -22.91
N CYS C 114 9.44 -10.34 -21.84
CA CYS C 114 8.85 -9.12 -21.30
C CYS C 114 9.46 -8.79 -19.93
N ALA C 115 9.85 -7.53 -19.74
CA ALA C 115 10.43 -7.13 -18.46
C ALA C 115 9.38 -6.94 -17.38
N SER C 116 8.14 -6.64 -17.76
CA SER C 116 7.13 -6.21 -16.82
C SER C 116 5.75 -6.49 -17.41
N LEU C 117 4.73 -6.11 -16.65
CA LEU C 117 3.35 -6.11 -17.11
C LEU C 117 2.66 -4.93 -16.48
N VAL C 118 1.85 -4.22 -17.27
CA VAL C 118 1.06 -3.10 -16.78
C VAL C 118 -0.41 -3.37 -17.05
N CYS C 119 -1.26 -3.03 -16.09
CA CYS C 119 -2.69 -3.17 -16.25
C CYS C 119 -3.37 -1.95 -15.66
N VAL C 120 -4.10 -1.22 -16.50
CA VAL C 120 -4.85 -0.05 -16.08
C VAL C 120 -6.32 -0.43 -16.09
N LEU C 121 -7.01 -0.15 -14.99
CA LEU C 121 -8.41 -0.53 -14.81
C LEU C 121 -9.21 0.74 -14.62
N LEU C 122 -10.06 1.07 -15.59
CA LEU C 122 -10.91 2.25 -15.54
C LEU C 122 -12.37 1.81 -15.54
N SER C 123 -13.06 1.98 -14.42
CA SER C 123 -14.49 1.66 -14.36
C SER C 123 -15.05 2.22 -13.06
N HIS C 124 -16.33 1.94 -12.78
CA HIS C 124 -16.87 2.20 -11.44
C HIS C 124 -16.31 1.16 -10.45
N GLY C 125 -16.48 1.44 -9.15
CA GLY C 125 -16.08 0.43 -8.18
C GLY C 125 -16.80 0.61 -6.86
N ASP C 126 -16.53 -0.33 -5.95
CA ASP C 126 -16.91 -0.21 -4.56
C ASP C 126 -15.77 -0.82 -3.75
N GLU C 127 -15.95 -0.94 -2.44
CA GLU C 127 -14.85 -1.33 -1.57
C GLU C 127 -14.42 -2.78 -1.86
N GLY C 128 -13.19 -2.94 -2.35
CA GLY C 128 -12.70 -4.25 -2.71
C GLY C 128 -13.19 -4.79 -4.04
N VAL C 129 -14.09 -4.09 -4.74
CA VAL C 129 -14.68 -4.65 -5.94
C VAL C 129 -14.56 -3.68 -7.10
N PHE C 130 -14.44 -4.25 -8.29
CA PHE C 130 -14.34 -3.53 -9.54
C PHE C 130 -15.55 -3.89 -10.38
N PHE C 131 -16.10 -2.91 -11.08
CA PHE C 131 -17.34 -3.13 -11.81
C PHE C 131 -17.04 -3.45 -13.25
N GLY C 132 -17.54 -4.59 -13.72
CA GLY C 132 -17.71 -4.78 -15.14
C GLY C 132 -18.81 -3.85 -15.62
N THR C 133 -19.15 -3.97 -16.90
CA THR C 133 -20.35 -3.26 -17.36
C THR C 133 -21.63 -3.86 -16.79
N ASP C 134 -21.57 -5.08 -16.25
CA ASP C 134 -22.75 -5.79 -15.76
C ASP C 134 -22.89 -5.76 -14.24
N THR C 135 -21.82 -6.02 -13.50
CA THR C 135 -21.91 -6.17 -12.06
C THR C 135 -20.49 -6.13 -11.51
N SER C 136 -20.36 -6.40 -10.21
CA SER C 136 -19.08 -6.26 -9.56
C SER C 136 -18.32 -7.58 -9.51
N VAL C 137 -17.00 -7.48 -9.36
CA VAL C 137 -16.13 -8.62 -9.13
C VAL C 137 -15.09 -8.22 -8.10
N ASP C 138 -14.59 -9.19 -7.34
CA ASP C 138 -13.50 -8.91 -6.41
C ASP C 138 -12.22 -8.60 -7.21
N LEU C 139 -11.56 -7.50 -6.86
CA LEU C 139 -10.28 -7.18 -7.47
C LEU C 139 -9.26 -8.27 -7.25
N LYS C 140 -9.35 -8.96 -6.11
CA LYS C 140 -8.42 -10.05 -5.80
C LYS C 140 -8.51 -11.11 -6.89
N SER C 141 -9.73 -11.35 -7.43
CA SER C 141 -9.95 -12.31 -8.52
C SER C 141 -9.27 -11.87 -9.82
N LEU C 142 -9.20 -10.57 -10.10
CA LEU C 142 -8.44 -10.12 -11.26
C LEU C 142 -6.93 -10.25 -11.01
N THR C 143 -6.45 -9.72 -9.89
CA THR C 143 -5.02 -9.63 -9.71
C THR C 143 -4.39 -10.99 -9.46
N SER C 144 -5.12 -11.89 -8.80
CA SER C 144 -4.56 -13.18 -8.47
C SER C 144 -4.29 -14.04 -9.70
N LEU C 145 -4.81 -13.67 -10.86
CA LEU C 145 -4.49 -14.42 -12.08
C LEU C 145 -3.01 -14.38 -12.37
N PHE C 146 -2.32 -13.34 -11.91
CA PHE C 146 -0.90 -13.17 -12.19
C PHE C 146 -0.03 -13.55 -11.00
N ARG C 147 -0.61 -14.20 -10.00
CA ARG C 147 0.16 -14.70 -8.87
C ARG C 147 1.26 -15.63 -9.36
N GLY C 148 2.34 -15.72 -8.59
CA GLY C 148 3.54 -16.39 -9.07
C GLY C 148 3.35 -17.87 -9.37
N ASP C 149 2.46 -18.54 -8.63
CA ASP C 149 2.21 -19.96 -8.89
C ASP C 149 1.25 -20.18 -10.05
N ARG C 150 0.59 -19.12 -10.54
CA ARG C 150 -0.34 -19.21 -11.65
CA ARG C 150 -0.34 -19.21 -11.65
C ARG C 150 0.15 -18.51 -12.91
N CYS C 151 1.10 -17.59 -12.79
CA CYS C 151 1.65 -16.87 -13.92
C CYS C 151 3.17 -17.06 -13.91
N PRO C 152 3.64 -18.25 -14.29
CA PRO C 152 5.09 -18.54 -14.15
C PRO C 152 6.01 -17.58 -14.89
N SER C 153 5.68 -17.18 -16.11
CA SER C 153 6.62 -16.40 -16.91
C SER C 153 6.71 -14.95 -16.46
N LEU C 154 5.94 -14.55 -15.46
CA LEU C 154 6.05 -13.22 -14.87
C LEU C 154 6.63 -13.26 -13.46
N VAL C 155 7.17 -14.40 -13.04
CA VAL C 155 7.75 -14.52 -11.71
C VAL C 155 9.03 -13.72 -11.62
N GLY C 156 9.20 -13.00 -10.51
CA GLY C 156 10.32 -12.11 -10.33
C GLY C 156 10.23 -10.80 -11.08
N LYS C 157 9.12 -10.53 -11.80
CA LYS C 157 9.01 -9.35 -12.63
C LYS C 157 7.90 -8.43 -12.15
N PRO C 158 8.10 -7.11 -12.22
CA PRO C 158 7.09 -6.17 -11.70
C PRO C 158 5.77 -6.32 -12.44
N LYS C 159 4.68 -6.36 -11.68
CA LYS C 159 3.33 -6.44 -12.21
C LYS C 159 2.55 -5.25 -11.67
N LEU C 160 2.24 -4.29 -12.54
CA LEU C 160 1.89 -2.94 -12.16
C LEU C 160 0.42 -2.65 -12.48
N PHE C 161 -0.41 -2.57 -11.45
CA PHE C 161 -1.83 -2.27 -11.61
C PHE C 161 -2.10 -0.82 -11.20
N PHE C 162 -2.85 -0.12 -12.04
CA PHE C 162 -3.34 1.22 -11.78
C PHE C 162 -4.86 1.16 -11.88
N ILE C 163 -5.55 1.56 -10.82
CA ILE C 163 -6.97 1.23 -10.62
C ILE C 163 -7.70 2.55 -10.36
N GLN C 164 -8.42 3.05 -11.38
CA GLN C 164 -9.34 4.18 -11.30
C GLN C 164 -10.74 3.61 -11.13
N ALA C 165 -11.26 3.66 -9.90
CA ALA C 165 -12.59 3.22 -9.53
C ALA C 165 -12.83 3.64 -8.10
N CYS C 166 -14.08 3.95 -7.79
CA CYS C 166 -14.46 4.25 -6.42
C CYS C 166 -14.18 3.05 -5.51
N ARG C 167 -13.93 3.32 -4.23
CA ARG C 167 -13.72 2.25 -3.27
C ARG C 167 -14.71 2.34 -2.10
N GLY C 168 -15.87 2.91 -2.35
CA GLY C 168 -16.82 3.24 -1.31
C GLY C 168 -17.48 4.54 -1.65
N THR C 169 -18.22 5.10 -0.69
CA THR C 169 -18.98 6.31 -0.92
C THR C 169 -18.50 7.46 -0.03
N GLU C 170 -17.51 7.23 0.82
CA GLU C 170 -17.09 8.28 1.74
C GLU C 170 -16.37 9.39 0.98
N LEU C 171 -16.56 10.63 1.46
CA LEU C 171 -16.04 11.82 0.80
C LEU C 171 -15.07 12.48 1.76
N ASP C 172 -13.95 12.96 1.23
CA ASP C 172 -12.91 13.57 2.06
C ASP C 172 -13.15 15.07 2.16
N PRO C 173 -13.51 15.61 3.33
CA PRO C 173 -13.83 17.05 3.40
C PRO C 173 -12.63 17.95 3.20
N GLY C 174 -11.43 17.50 3.54
CA GLY C 174 -10.25 18.33 3.46
C GLY C 174 -9.98 19.05 4.77
N VAL C 175 -8.83 19.70 4.81
CA VAL C 175 -8.45 20.47 5.98
C VAL C 175 -7.46 21.56 5.55
N GLU C 176 -7.67 22.77 6.03
CA GLU C 176 -6.75 23.86 5.70
C GLU C 176 -5.50 23.74 6.55
N THR C 177 -4.34 23.82 5.91
CA THR C 177 -3.05 23.67 6.56
C THR C 177 -2.81 24.73 7.63
N ARG D 1 18.04 -23.22 -6.88
CA ARG D 1 17.37 -21.95 -7.13
C ARG D 1 16.58 -21.50 -5.88
N GLU D 2 16.15 -20.24 -5.89
CA GLU D 2 15.51 -19.63 -4.74
C GLU D 2 13.99 -19.54 -4.93
N ARG D 3 13.28 -19.47 -3.80
CA ARG D 3 11.82 -19.37 -3.78
C ARG D 3 11.40 -17.97 -3.33
N ILE D 4 10.37 -17.42 -3.95
CA ILE D 4 9.87 -16.10 -3.58
C ILE D 4 8.37 -16.20 -3.32
N PRO D 5 7.80 -15.22 -2.61
CA PRO D 5 6.37 -15.28 -2.34
C PRO D 5 5.56 -15.18 -3.64
N VAL D 6 4.45 -15.92 -3.69
CA VAL D 6 3.60 -15.85 -4.88
C VAL D 6 2.93 -14.49 -5.03
N GLU D 7 2.88 -13.69 -3.96
CA GLU D 7 2.28 -12.37 -3.97
C GLU D 7 3.31 -11.25 -4.13
N ALA D 8 4.58 -11.60 -4.36
CA ALA D 8 5.63 -10.60 -4.48
C ALA D 8 5.53 -9.88 -5.82
N ASP D 9 6.10 -8.67 -5.85
CA ASP D 9 6.36 -7.90 -7.08
C ASP D 9 5.08 -7.39 -7.74
N PHE D 10 4.06 -7.13 -6.93
CA PHE D 10 2.86 -6.45 -7.36
C PHE D 10 2.91 -5.03 -6.85
N LEU D 11 2.39 -4.12 -7.65
CA LEU D 11 2.08 -2.75 -7.26
C LEU D 11 0.61 -2.53 -7.60
N TYR D 12 -0.19 -2.10 -6.62
CA TYR D 12 -1.59 -1.76 -6.84
C TYR D 12 -1.72 -0.27 -6.57
N ALA D 13 -1.68 0.54 -7.63
CA ALA D 13 -1.79 2.00 -7.50
C ALA D 13 -3.25 2.39 -7.63
N TYR D 14 -3.92 2.56 -6.48
CA TYR D 14 -5.33 2.94 -6.42
C TYR D 14 -5.50 4.45 -6.50
N SER D 15 -6.50 4.86 -7.28
CA SER D 15 -6.82 6.26 -7.39
C SER D 15 -7.24 6.87 -6.06
N THR D 16 -7.69 6.06 -5.09
CA THR D 16 -8.26 6.61 -3.85
C THR D 16 -8.04 5.65 -2.68
N VAL D 17 -8.39 6.13 -1.49
CA VAL D 17 -8.37 5.43 -0.19
C VAL D 17 -9.46 4.37 -0.07
N PRO D 18 -9.23 3.23 0.60
CA PRO D 18 -10.31 2.26 0.81
C PRO D 18 -11.50 2.89 1.51
N GLY D 19 -12.68 2.75 0.91
CA GLY D 19 -13.89 3.28 1.48
C GLY D 19 -14.33 4.61 0.90
N TYR D 20 -13.52 5.21 0.04
CA TYR D 20 -13.75 6.57 -0.43
C TYR D 20 -14.13 6.59 -1.90
N TYR D 21 -14.90 7.62 -2.26
CA TYR D 21 -15.26 7.88 -3.64
C TYR D 21 -14.03 8.32 -4.42
N SER D 22 -14.09 8.15 -5.74
CA SER D 22 -13.01 8.56 -6.62
C SER D 22 -13.54 9.54 -7.65
N TRP D 23 -12.83 10.65 -7.82
CA TRP D 23 -13.32 11.81 -8.57
C TRP D 23 -12.79 11.84 -9.98
N ARG D 24 -13.69 12.15 -10.91
CA ARG D 24 -13.30 12.32 -12.30
C ARG D 24 -14.09 13.48 -12.88
N THR D 25 -13.50 14.16 -13.85
CA THR D 25 -14.18 15.23 -14.56
C THR D 25 -14.63 14.73 -15.94
N THR D 26 -15.76 15.25 -16.40
CA THR D 26 -16.26 14.84 -17.70
C THR D 26 -15.33 15.26 -18.83
N MET D 27 -14.62 16.37 -18.67
CA MET D 27 -13.86 16.92 -19.79
C MET D 27 -12.41 16.42 -19.82
N THR D 28 -11.68 16.57 -18.72
CA THR D 28 -10.29 16.15 -18.67
C THR D 28 -10.07 14.71 -18.23
N GLY D 29 -11.07 14.06 -17.63
CA GLY D 29 -10.90 12.70 -17.16
C GLY D 29 -10.67 12.61 -15.67
N SER D 30 -10.25 11.42 -15.25
CA SER D 30 -9.97 11.09 -13.86
C SER D 30 -8.92 12.03 -13.26
N TRP D 31 -9.17 12.48 -12.02
CA TRP D 31 -8.13 13.24 -11.33
C TRP D 31 -6.84 12.44 -11.31
N PHE D 32 -6.96 11.15 -10.96
CA PHE D 32 -5.81 10.29 -10.74
C PHE D 32 -5.09 9.96 -12.04
N ILE D 33 -5.84 9.53 -13.05
CA ILE D 33 -5.20 9.10 -14.29
C ILE D 33 -4.53 10.29 -14.98
N GLN D 34 -5.24 11.42 -15.03
CA GLN D 34 -4.66 12.63 -15.58
C GLN D 34 -3.37 13.02 -14.85
N SER D 35 -3.37 12.90 -13.53
CA SER D 35 -2.16 13.22 -12.77
C SER D 35 -1.09 12.17 -13.01
N LEU D 36 -1.50 10.90 -13.13
CA LEU D 36 -0.54 9.84 -13.46
C LEU D 36 0.13 10.11 -14.81
N CYS D 37 -0.66 10.40 -15.84
CA CYS D 37 -0.08 10.64 -17.16
C CYS D 37 0.85 11.84 -17.17
N GLU D 38 0.46 12.93 -16.48
CA GLU D 38 1.32 14.10 -16.37
C GLU D 38 2.68 13.75 -15.75
N MET D 39 2.69 13.05 -14.60
CA MET D 39 3.97 12.81 -13.92
C MET D 39 4.79 11.75 -14.65
N MET D 40 4.12 10.76 -15.24
CA MET D 40 4.82 9.81 -16.09
C MET D 40 5.51 10.51 -17.25
N THR D 41 4.84 11.48 -17.87
CA THR D 41 5.43 12.24 -18.96
C THR D 41 6.65 13.01 -18.49
N LYS D 42 6.51 13.78 -17.40
CA LYS D 42 7.62 14.59 -16.92
C LYS D 42 8.80 13.71 -16.48
N TYR D 43 8.52 12.60 -15.77
CA TYR D 43 9.55 11.92 -15.01
C TYR D 43 9.71 10.45 -15.36
N GLY D 44 9.02 9.95 -16.37
CA GLY D 44 9.03 8.52 -16.64
C GLY D 44 10.41 8.00 -17.00
N SER D 45 11.23 8.80 -17.65
CA SER D 45 12.55 8.37 -18.10
C SER D 45 13.64 8.72 -17.10
N GLU D 46 13.28 9.18 -15.92
CA GLU D 46 14.31 9.52 -14.95
C GLU D 46 14.09 8.94 -13.56
N LEU D 47 12.85 8.93 -13.06
CA LEU D 47 12.57 8.64 -11.65
C LEU D 47 12.10 7.20 -11.47
N GLU D 48 12.23 6.72 -10.23
CA GLU D 48 11.71 5.40 -9.87
C GLU D 48 10.20 5.47 -9.65
N LEU D 49 9.51 4.36 -9.96
CA LEU D 49 8.05 4.41 -10.05
C LEU D 49 7.40 4.84 -8.74
N LEU D 50 7.90 4.37 -7.59
CA LEU D 50 7.30 4.77 -6.31
C LEU D 50 7.48 6.26 -6.04
N GLN D 51 8.60 6.83 -6.49
CA GLN D 51 8.82 8.27 -6.40
C GLN D 51 7.85 9.01 -7.31
N ILE D 52 7.65 8.50 -8.52
CA ILE D 52 6.67 9.09 -9.43
C ILE D 52 5.30 9.12 -8.78
N MET D 53 4.91 7.99 -8.16
CA MET D 53 3.57 7.88 -7.60
C MET D 53 3.39 8.78 -6.39
N THR D 54 4.47 9.05 -5.65
CA THR D 54 4.41 10.02 -4.56
C THR D 54 4.16 11.43 -5.11
N ARG D 55 4.73 11.75 -6.26
CA ARG D 55 4.46 13.04 -6.89
C ARG D 55 3.03 13.10 -7.44
N VAL D 56 2.54 11.97 -7.95
CA VAL D 56 1.13 11.88 -8.32
C VAL D 56 0.25 12.12 -7.10
N ASN D 57 0.61 11.51 -5.95
CA ASN D 57 -0.13 11.77 -4.71
C ASN D 57 -0.12 13.26 -4.39
N HIS D 58 1.02 13.92 -4.54
CA HIS D 58 1.05 15.36 -4.26
C HIS D 58 0.13 16.13 -5.20
N LYS D 59 0.15 15.80 -6.49
CA LYS D 59 -0.68 16.55 -7.44
C LYS D 59 -2.17 16.36 -7.14
N VAL D 60 -2.62 15.11 -6.96
CA VAL D 60 -4.02 14.85 -6.67
C VAL D 60 -4.43 15.53 -5.39
N ALA D 61 -3.57 15.49 -4.36
CA ALA D 61 -3.96 16.04 -3.07
C ALA D 61 -4.06 17.56 -3.11
N LEU D 62 -3.16 18.24 -3.82
CA LEU D 62 -3.09 19.69 -3.77
C LEU D 62 -3.84 20.39 -4.90
N ASP D 63 -3.85 19.82 -6.10
CA ASP D 63 -4.33 20.52 -7.29
C ASP D 63 -5.84 20.41 -7.51
N PHE D 64 -6.51 19.41 -6.93
CA PHE D 64 -7.91 19.16 -7.24
C PHE D 64 -8.79 19.35 -6.02
N GLU D 65 -10.01 19.81 -6.28
CA GLU D 65 -11.06 19.89 -5.27
C GLU D 65 -12.40 19.82 -6.01
N SER D 66 -13.36 19.09 -5.44
CA SER D 66 -14.57 18.78 -6.21
C SER D 66 -15.48 19.99 -6.28
N THR D 67 -16.42 19.91 -7.22
CA THR D 67 -17.50 20.87 -7.38
C THR D 67 -18.75 20.09 -7.74
N SER D 68 -19.84 20.33 -7.03
CA SER D 68 -21.10 19.72 -7.41
C SER D 68 -22.22 20.46 -6.72
N ASN D 69 -23.15 20.99 -7.50
CA ASN D 69 -24.32 21.68 -6.96
C ASN D 69 -25.30 20.68 -6.36
N MET D 70 -24.75 19.72 -5.64
CA MET D 70 -25.47 18.89 -4.68
C MET D 70 -24.59 18.98 -3.43
N PRO D 71 -24.69 20.09 -2.68
CA PRO D 71 -23.56 20.55 -1.84
C PRO D 71 -23.04 19.56 -0.80
N GLY D 72 -23.73 18.46 -0.53
CA GLY D 72 -23.10 17.40 0.25
C GLY D 72 -21.93 16.75 -0.47
N PHE D 73 -21.85 16.93 -1.78
CA PHE D 73 -20.77 16.40 -2.61
C PHE D 73 -19.78 17.47 -3.04
N ASP D 74 -19.94 18.72 -2.59
CA ASP D 74 -19.11 19.82 -3.06
C ASP D 74 -17.93 20.07 -2.13
N ALA D 75 -16.83 20.54 -2.73
CA ALA D 75 -15.59 20.94 -2.03
C ALA D 75 -14.88 19.75 -1.37
N LYS D 76 -14.94 18.58 -1.99
CA LYS D 76 -14.28 17.39 -1.46
C LYS D 76 -12.86 17.23 -2.03
N LYS D 77 -12.07 16.39 -1.38
CA LYS D 77 -10.67 16.16 -1.75
C LYS D 77 -10.42 14.67 -1.95
N GLN D 78 -9.22 14.35 -2.47
CA GLN D 78 -8.87 12.97 -2.78
C GLN D 78 -7.35 12.78 -2.67
N ILE D 79 -6.96 11.65 -2.10
CA ILE D 79 -5.56 11.23 -2.05
C ILE D 79 -5.50 9.80 -2.57
N PRO D 80 -4.58 9.48 -3.49
CA PRO D 80 -4.47 8.10 -3.98
C PRO D 80 -3.82 7.22 -2.94
N CYS D 81 -3.79 5.93 -3.23
CA CYS D 81 -3.39 4.91 -2.26
C CYS D 81 -2.44 3.96 -2.98
N ILE D 82 -1.13 4.11 -2.73
CA ILE D 82 -0.09 3.33 -3.41
C ILE D 82 0.17 2.09 -2.57
N VAL D 83 -0.16 0.90 -3.09
CA VAL D 83 0.07 -0.34 -2.35
C VAL D 83 1.20 -1.11 -3.04
N SER D 84 2.37 -1.20 -2.40
CA SER D 84 3.51 -1.85 -3.02
C SER D 84 3.87 -3.19 -2.34
N MET D 85 3.83 -4.26 -3.13
CA MET D 85 4.55 -5.48 -2.79
C MET D 85 5.82 -5.63 -3.63
N LEU D 86 6.39 -4.52 -4.11
CA LEU D 86 7.60 -4.59 -4.92
C LEU D 86 8.82 -4.86 -4.06
N THR D 87 9.76 -5.66 -4.57
CA THR D 87 10.98 -6.00 -3.86
C THR D 87 12.23 -5.33 -4.45
N LYS D 88 12.08 -4.58 -5.55
CA LYS D 88 13.19 -3.87 -6.19
C LYS D 88 12.66 -2.55 -6.72
N GLU D 89 13.59 -1.64 -6.99
CA GLU D 89 13.23 -0.35 -7.60
C GLU D 89 12.84 -0.56 -9.05
N MET D 90 11.78 0.15 -9.48
CA MET D 90 11.26 0.09 -10.85
C MET D 90 11.55 1.39 -11.58
N TYR D 91 12.50 1.30 -12.51
CA TYR D 91 12.82 2.35 -13.47
C TYR D 91 12.40 1.89 -14.87
N PHE D 92 11.85 2.80 -15.66
CA PHE D 92 11.39 2.44 -16.99
C PHE D 92 12.47 2.61 -18.08
N THR D 93 13.69 3.03 -17.74
CA THR D 93 14.75 3.15 -18.75
C THR D 93 16.06 2.69 -18.12
N PRO D 94 16.86 1.87 -18.82
CA PRO D 94 18.10 1.37 -18.23
C PRO D 94 19.23 2.38 -18.31
N ASP E 1 9.69 -21.33 13.81
CA ASP E 1 8.81 -20.31 13.22
C ASP E 1 7.33 -20.51 13.59
N GLU E 2 6.64 -19.43 13.96
CA GLU E 2 5.23 -19.49 14.32
C GLU E 2 4.54 -18.21 13.81
N VAL E 3 3.23 -18.12 14.01
CA VAL E 3 2.42 -17.10 13.36
C VAL E 3 1.89 -16.08 14.41
N ASP E 4 1.39 -14.94 13.93
CA ASP E 4 0.69 -13.96 14.79
C ASP E 4 -0.84 -14.11 14.83
#